data_5NG9
#
_entry.id   5NG9
#
_cell.length_a   62.218
_cell.length_b   88.140
_cell.length_c   47.958
_cell.angle_alpha   90.00
_cell.angle_beta   90.00
_cell.angle_gamma   90.00
#
_symmetry.space_group_name_H-M   'P 21 21 2'
#
loop_
_entity.id
_entity.type
_entity.pdbx_description
1 polymer 'Glutamate receptor 2'
2 non-polymer 'CITRATE ANION'
3 non-polymer 'LITHIUM ION'
4 non-polymer '(3~{a}~{S},4~{S},6~{a}~{R})-4,5,6,6~{a}-tetrahydro-3~{a}~{H}-pyrrolo[3,4-d][1,2]oxazole-3,4-dicarboxylic acid'
5 non-polymer '(2~{S},3~{R},4~{R})-3-(carboxycarbonyl)-4-oxidanyl-pyrrolidine-2-carboxylic acid'
6 non-polymer 'SULFATE ION'
7 non-polymer GLYCEROL
8 water water
#
_entity_poly.entity_id   1
_entity_poly.type   'polypeptide(L)'
_entity_poly.pdbx_seq_one_letter_code
;GANKTVVVTTILESPYVMMKKNHEMLEGNERYEGYCVDLAAEIAKHCGFKYKLTIVGDGKYGARDADTKIWNGMVGELVY
GKADIAIAPLTITLVREEVIDFSKPFMSLGISIMIKKGTPIESAEDLSKQTEIAYGTLDSGSTKEFFRRSKIAVFDKMWT
YMRSAEPSVFVRTTAEGVARVRKSKGKYAYLLESTMNEYIEQRKPCDTMKVGGNLDSKGYGIATPKGSSLGNAVNLAVLK
LNEQGLLDKLKNKWWYDKGECGSG
;
_entity_poly.pdbx_strand_id   A
#
loop_
_chem_comp.id
_chem_comp.type
_chem_comp.name
_chem_comp.formula
8VN non-polymer '(3~{a}~{S},4~{S},6~{a}~{R})-4,5,6,6~{a}-tetrahydro-3~{a}~{H}-pyrrolo[3,4-d][1,2]oxazole-3,4-dicarboxylic acid' 'C7 H8 N2 O5'
8WQ non-polymer '(2~{S},3~{R},4~{R})-3-(carboxycarbonyl)-4-oxidanyl-pyrrolidine-2-carboxylic acid' 'C7 H9 N O6'
FLC non-polymer 'CITRATE ANION' 'C6 H5 O7 -3'
GOL non-polymer GLYCEROL 'C3 H8 O3'
LI non-polymer 'LITHIUM ION' 'Li 1'
SO4 non-polymer 'SULFATE ION' 'O4 S -2'
#
# COMPACT_ATOMS: atom_id res chain seq x y z
N GLY A 1 -12.70 -30.04 11.37
CA GLY A 1 -11.42 -30.77 11.61
C GLY A 1 -10.54 -30.08 12.64
N ALA A 2 -9.40 -30.68 12.96
CA ALA A 2 -8.50 -30.06 13.92
C ALA A 2 -8.01 -28.70 13.42
N ASN A 3 -7.76 -27.78 14.35
CA ASN A 3 -7.15 -26.51 14.01
C ASN A 3 -5.79 -26.71 13.37
N LYS A 4 -5.44 -25.80 12.47
CA LYS A 4 -4.15 -25.78 11.82
C LYS A 4 -3.60 -24.36 11.90
N THR A 5 -2.29 -24.25 11.83
CA THR A 5 -1.66 -22.95 11.77
C THR A 5 -2.17 -22.18 10.56
N VAL A 6 -2.53 -20.94 10.78
CA VAL A 6 -3.03 -20.06 9.72
C VAL A 6 -1.86 -19.50 8.91
N VAL A 7 -1.95 -19.59 7.58
CA VAL A 7 -0.90 -19.10 6.70
C VAL A 7 -1.27 -17.66 6.33
N VAL A 8 -0.46 -16.72 6.78
CA VAL A 8 -0.63 -15.29 6.47
C VAL A 8 0.29 -14.95 5.31
N THR A 9 -0.26 -14.37 4.25
CA THR A 9 0.56 -13.79 3.20
C THR A 9 0.64 -12.27 3.41
N THR A 10 1.83 -11.73 3.17
CA THR A 10 2.08 -10.31 3.26
C THR A 10 3.19 -9.97 2.26
N ILE A 11 3.60 -8.70 2.26
CA ILE A 11 4.50 -8.17 1.23
C ILE A 11 5.50 -7.24 1.89
N LEU A 12 6.73 -7.23 1.36
CA LEU A 12 7.75 -6.33 1.87
C LEU A 12 7.49 -4.93 1.33
N GLU A 13 6.91 -4.10 2.18
N GLU A 13 6.91 -4.10 2.18
CA GLU A 13 6.55 -2.72 1.86
CA GLU A 13 6.55 -2.71 1.85
C GLU A 13 6.75 -1.97 3.17
C GLU A 13 6.70 -1.92 3.14
N SER A 14 7.63 -0.98 3.18
CA SER A 14 7.92 -0.27 4.41
C SER A 14 6.84 0.77 4.70
N PRO A 15 6.47 0.96 5.98
CA PRO A 15 6.91 0.30 7.21
C PRO A 15 5.96 -0.82 7.65
N TYR A 16 5.20 -1.34 6.69
CA TYR A 16 4.21 -2.37 6.99
C TYR A 16 4.85 -3.70 7.36
N VAL A 17 5.75 -4.20 6.51
CA VAL A 17 6.53 -5.39 6.79
C VAL A 17 7.90 -5.17 6.23
N MET A 18 8.90 -5.37 7.08
CA MET A 18 10.30 -5.21 6.75
CA MET A 18 10.31 -5.24 6.71
C MET A 18 11.06 -6.40 7.34
N MET A 19 12.11 -6.81 6.67
CA MET A 19 13.04 -7.74 7.29
CA MET A 19 13.05 -7.74 7.29
C MET A 19 13.81 -7.00 8.37
N LYS A 20 13.84 -7.56 9.56
CA LYS A 20 14.72 -6.99 10.57
C LYS A 20 16.14 -7.01 10.07
N LYS A 21 16.93 -6.02 10.50
CA LYS A 21 18.31 -5.95 10.02
C LYS A 21 19.06 -7.24 10.31
N ASN A 22 18.79 -7.87 11.46
CA ASN A 22 19.43 -9.11 11.86
C ASN A 22 18.62 -10.35 11.51
N HIS A 23 17.80 -10.31 10.45
CA HIS A 23 16.94 -11.45 10.15
C HIS A 23 17.72 -12.74 9.87
N GLU A 24 18.97 -12.64 9.38
CA GLU A 24 19.73 -13.85 9.09
C GLU A 24 19.97 -14.64 10.36
N MET A 25 19.86 -13.98 11.49
CA MET A 25 20.08 -14.59 12.78
C MET A 25 18.78 -15.12 13.45
N LEU A 26 17.63 -14.93 12.83
CA LEU A 26 16.32 -15.19 13.41
C LEU A 26 15.56 -16.22 12.56
N GLU A 27 14.50 -16.79 13.16
CA GLU A 27 13.66 -17.79 12.51
C GLU A 27 12.20 -17.42 12.65
N GLY A 28 11.39 -17.89 11.70
CA GLY A 28 9.96 -17.79 11.84
C GLY A 28 9.46 -16.35 11.83
N ASN A 29 8.40 -16.12 12.57
CA ASN A 29 7.75 -14.82 12.55
C ASN A 29 8.65 -13.72 13.09
N GLU A 30 9.63 -14.09 13.90
CA GLU A 30 10.56 -13.10 14.48
C GLU A 30 11.47 -12.45 13.46
N ARG A 31 11.55 -12.97 12.24
CA ARG A 31 12.39 -12.36 11.22
C ARG A 31 11.88 -11.00 10.77
N TYR A 32 10.60 -10.69 10.97
CA TYR A 32 9.95 -9.55 10.35
C TYR A 32 9.56 -8.52 11.40
N GLU A 33 9.44 -7.25 10.99
CA GLU A 33 8.90 -6.21 11.84
C GLU A 33 8.09 -5.22 11.01
N GLY A 34 7.23 -4.47 11.69
CA GLY A 34 6.51 -3.40 11.06
C GLY A 34 5.07 -3.34 11.52
N TYR A 35 4.35 -2.36 10.97
CA TYR A 35 2.96 -2.14 11.34
C TYR A 35 2.12 -3.39 11.14
N CYS A 36 2.24 -4.05 9.97
CA CYS A 36 1.41 -5.22 9.69
C CYS A 36 1.87 -6.45 10.44
N VAL A 37 3.14 -6.50 10.85
CA VAL A 37 3.61 -7.59 11.72
C VAL A 37 2.94 -7.47 13.08
N ASP A 38 2.92 -6.26 13.63
CA ASP A 38 2.23 -6.00 14.89
C ASP A 38 0.74 -6.23 14.74
N LEU A 39 0.14 -5.80 13.63
CA LEU A 39 -1.28 -6.02 13.42
C LEU A 39 -1.61 -7.50 13.33
N ALA A 40 -0.78 -8.28 12.62
CA ALA A 40 -1.04 -9.70 12.51
C ALA A 40 -1.07 -10.36 13.88
N ALA A 41 -0.12 -9.99 14.74
CA ALA A 41 -0.10 -10.56 16.08
C ALA A 41 -1.39 -10.24 16.83
N GLU A 42 -1.87 -8.99 16.71
CA GLU A 42 -3.11 -8.60 17.39
C GLU A 42 -4.34 -9.29 16.80
N ILE A 43 -4.41 -9.43 15.48
CA ILE A 43 -5.54 -10.11 14.88
CA ILE A 43 -5.54 -10.12 14.88
C ILE A 43 -5.56 -11.57 15.33
N ALA A 44 -4.41 -12.23 15.31
CA ALA A 44 -4.33 -13.62 15.74
C ALA A 44 -4.74 -13.77 17.19
N LYS A 45 -4.31 -12.85 18.03
CA LYS A 45 -4.68 -12.90 19.43
C LYS A 45 -6.19 -12.75 19.59
N HIS A 46 -6.79 -11.76 18.89
N HIS A 46 -6.75 -11.74 18.93
CA HIS A 46 -8.22 -11.44 18.99
CA HIS A 46 -8.17 -11.50 19.10
C HIS A 46 -9.12 -12.39 18.22
C HIS A 46 -9.01 -12.63 18.55
N CYS A 47 -8.55 -13.32 17.49
CA CYS A 47 -9.31 -14.36 16.84
C CYS A 47 -8.96 -15.75 17.34
N GLY A 48 -7.95 -15.88 18.19
CA GLY A 48 -7.58 -17.14 18.80
C GLY A 48 -6.91 -18.13 17.87
N PHE A 49 -6.02 -17.68 16.97
CA PHE A 49 -5.33 -18.62 16.08
C PHE A 49 -3.83 -18.44 16.18
N LYS A 50 -3.13 -19.51 15.83
CA LYS A 50 -1.69 -19.52 15.63
C LYS A 50 -1.44 -19.33 14.15
N TYR A 51 -0.32 -18.70 13.80
CA TYR A 51 -0.12 -18.27 12.43
C TYR A 51 1.36 -18.27 12.07
N LYS A 52 1.60 -18.33 10.77
CA LYS A 52 2.91 -18.23 10.18
C LYS A 52 2.88 -17.12 9.13
N LEU A 53 3.75 -16.13 9.29
CA LEU A 53 3.92 -15.09 8.29
C LEU A 53 4.73 -15.64 7.13
N THR A 54 4.28 -15.34 5.92
CA THR A 54 4.97 -15.66 4.70
C THR A 54 4.96 -14.43 3.79
N ILE A 55 6.00 -14.28 3.01
CA ILE A 55 6.06 -13.21 2.01
C ILE A 55 5.56 -13.76 0.68
N VAL A 56 4.59 -13.07 0.10
CA VAL A 56 3.98 -13.47 -1.16
C VAL A 56 5.05 -13.89 -2.16
N GLY A 57 4.85 -15.05 -2.76
CA GLY A 57 5.91 -15.65 -3.56
C GLY A 57 6.34 -14.81 -4.74
N ASP A 58 5.41 -14.14 -5.40
CA ASP A 58 5.74 -13.33 -6.58
C ASP A 58 6.00 -11.87 -6.25
N GLY A 59 5.93 -11.48 -4.99
CA GLY A 59 6.22 -10.12 -4.60
C GLY A 59 5.19 -9.09 -5.02
N LYS A 60 3.95 -9.49 -5.36
CA LYS A 60 2.95 -8.58 -5.91
CA LYS A 60 2.95 -8.57 -5.91
C LYS A 60 1.72 -8.47 -5.00
N TYR A 61 0.97 -7.38 -5.19
CA TYR A 61 -0.24 -7.14 -4.41
C TYR A 61 -1.41 -8.01 -4.86
N GLY A 62 -1.76 -7.95 -6.14
CA GLY A 62 -2.89 -8.72 -6.64
C GLY A 62 -3.66 -7.99 -7.72
N ALA A 63 -3.50 -8.46 -8.94
CA ALA A 63 -4.20 -8.00 -10.11
C ALA A 63 -4.48 -9.19 -10.99
N ARG A 64 -5.49 -9.07 -11.83
CA ARG A 64 -5.90 -10.14 -12.74
CA ARG A 64 -5.90 -10.14 -12.73
C ARG A 64 -5.34 -9.87 -14.13
N ASP A 65 -4.60 -10.83 -14.67
CA ASP A 65 -4.07 -10.68 -16.02
C ASP A 65 -5.22 -10.66 -17.01
N ALA A 66 -5.23 -9.66 -17.89
CA ALA A 66 -6.36 -9.49 -18.82
C ALA A 66 -6.49 -10.66 -19.79
N ASP A 67 -5.37 -11.33 -20.10
CA ASP A 67 -5.35 -12.39 -21.09
C ASP A 67 -5.61 -13.76 -20.49
N THR A 68 -4.87 -14.14 -19.43
CA THR A 68 -5.07 -15.46 -18.83
C THR A 68 -6.16 -15.47 -17.79
N LYS A 69 -6.57 -14.30 -17.31
CA LYS A 69 -7.54 -14.17 -16.22
C LYS A 69 -7.02 -14.71 -14.91
N ILE A 70 -5.71 -14.92 -14.78
CA ILE A 70 -5.10 -15.43 -13.56
C ILE A 70 -4.78 -14.27 -12.62
N TRP A 71 -5.17 -14.39 -11.36
CA TRP A 71 -4.79 -13.43 -10.33
C TRP A 71 -3.37 -13.68 -9.84
N ASN A 72 -2.58 -12.63 -9.76
CA ASN A 72 -1.24 -12.70 -9.20
C ASN A 72 -1.26 -12.22 -7.75
N GLY A 73 -0.08 -12.18 -7.14
CA GLY A 73 0.12 -11.53 -5.88
C GLY A 73 -0.62 -12.19 -4.72
N MET A 74 -0.80 -11.40 -3.67
CA MET A 74 -1.46 -11.87 -2.46
C MET A 74 -2.90 -12.25 -2.77
N VAL A 75 -3.58 -11.47 -3.62
CA VAL A 75 -4.94 -11.83 -3.98
C VAL A 75 -4.97 -13.22 -4.60
N GLY A 76 -4.05 -13.47 -5.52
CA GLY A 76 -3.95 -14.80 -6.12
C GLY A 76 -3.69 -15.89 -5.10
N GLU A 77 -2.81 -15.66 -4.13
CA GLU A 77 -2.57 -16.67 -3.13
C GLU A 77 -3.86 -17.02 -2.37
N LEU A 78 -4.71 -16.02 -2.09
CA LEU A 78 -5.98 -16.32 -1.45
C LEU A 78 -6.93 -17.05 -2.39
N VAL A 79 -7.08 -16.53 -3.62
CA VAL A 79 -8.02 -17.08 -4.58
C VAL A 79 -7.73 -18.53 -4.88
N TYR A 80 -6.45 -18.90 -5.00
CA TYR A 80 -6.05 -20.24 -5.40
C TYR A 80 -5.73 -21.15 -4.23
N GLY A 81 -5.91 -20.70 -3.00
CA GLY A 81 -5.80 -21.57 -1.85
C GLY A 81 -4.41 -21.73 -1.27
N LYS A 82 -3.49 -20.82 -1.57
CA LYS A 82 -2.11 -20.92 -1.10
C LYS A 82 -1.89 -20.21 0.24
N ALA A 83 -2.81 -19.34 0.65
CA ALA A 83 -2.72 -18.67 1.93
C ALA A 83 -4.14 -18.51 2.47
N ASP A 84 -4.23 -18.33 3.77
CA ASP A 84 -5.50 -18.22 4.47
C ASP A 84 -5.96 -16.79 4.71
N ILE A 85 -5.03 -15.84 4.77
CA ILE A 85 -5.34 -14.46 5.09
C ILE A 85 -4.19 -13.63 4.56
N ALA A 86 -4.50 -12.42 4.08
CA ALA A 86 -3.50 -11.44 3.67
C ALA A 86 -3.60 -10.24 4.58
N ILE A 87 -2.48 -9.85 5.18
CA ILE A 87 -2.43 -8.72 6.11
C ILE A 87 -1.34 -7.78 5.58
N ALA A 88 -1.75 -6.74 4.86
CA ALA A 88 -0.87 -5.92 4.06
C ALA A 88 -1.62 -4.64 3.69
N PRO A 89 -0.94 -3.62 3.12
CA PRO A 89 -1.63 -2.41 2.65
C PRO A 89 -2.34 -2.66 1.31
N LEU A 90 -3.31 -3.56 1.34
CA LEU A 90 -4.09 -3.98 0.19
C LEU A 90 -5.33 -3.12 0.09
N THR A 91 -5.35 -2.23 -0.92
CA THR A 91 -6.47 -1.33 -1.07
C THR A 91 -7.73 -2.09 -1.45
N ILE A 92 -8.82 -1.73 -0.76
CA ILE A 92 -10.13 -2.31 -1.03
C ILE A 92 -10.64 -1.72 -2.34
N THR A 93 -10.84 -2.57 -3.34
CA THR A 93 -11.30 -2.18 -4.67
C THR A 93 -12.44 -3.09 -5.11
N LEU A 94 -13.24 -2.59 -6.07
CA LEU A 94 -14.35 -3.37 -6.62
C LEU A 94 -13.87 -4.71 -7.16
N VAL A 95 -12.86 -4.72 -8.03
CA VAL A 95 -12.46 -5.94 -8.70
CA VAL A 95 -12.52 -5.96 -8.69
C VAL A 95 -11.94 -6.98 -7.71
N ARG A 96 -11.21 -6.51 -6.68
CA ARG A 96 -10.74 -7.46 -5.66
C ARG A 96 -11.88 -7.93 -4.76
N GLU A 97 -12.78 -7.02 -4.39
CA GLU A 97 -13.90 -7.37 -3.51
C GLU A 97 -14.74 -8.48 -4.12
N GLU A 98 -14.83 -8.55 -5.45
CA GLU A 98 -15.61 -9.57 -6.09
CA GLU A 98 -15.61 -9.59 -6.09
C GLU A 98 -15.02 -10.97 -5.89
N VAL A 99 -13.72 -11.08 -5.65
CA VAL A 99 -13.07 -12.39 -5.57
C VAL A 99 -12.57 -12.80 -4.19
N ILE A 100 -12.38 -11.87 -3.26
CA ILE A 100 -11.93 -12.14 -1.91
CA ILE A 100 -11.99 -12.19 -1.90
C ILE A 100 -12.84 -11.37 -0.96
N ASP A 101 -12.83 -11.76 0.31
CA ASP A 101 -13.51 -11.02 1.37
C ASP A 101 -12.53 -10.04 1.99
N PHE A 102 -13.02 -8.87 2.33
CA PHE A 102 -12.24 -7.83 2.98
C PHE A 102 -12.89 -7.43 4.30
N SER A 103 -12.06 -7.26 5.33
CA SER A 103 -12.49 -6.57 6.52
C SER A 103 -12.83 -5.12 6.17
N LYS A 104 -13.55 -4.47 7.10
CA LYS A 104 -13.60 -3.03 7.10
C LYS A 104 -12.18 -2.46 7.20
N PRO A 105 -11.98 -1.20 6.82
CA PRO A 105 -10.61 -0.68 6.77
C PRO A 105 -9.90 -0.73 8.11
N PHE A 106 -8.62 -1.10 8.08
CA PHE A 106 -7.74 -0.91 9.22
C PHE A 106 -6.92 0.36 9.12
N MET A 107 -6.90 0.99 7.96
N MET A 107 -6.82 0.93 7.93
CA MET A 107 -6.20 2.25 7.76
CA MET A 107 -6.20 2.23 7.69
C MET A 107 -6.90 2.97 6.62
C MET A 107 -7.00 2.96 6.63
N SER A 108 -7.02 4.28 6.74
CA SER A 108 -7.64 5.15 5.76
C SER A 108 -6.55 5.95 5.04
N LEU A 109 -6.79 6.32 3.80
CA LEU A 109 -5.76 6.93 2.97
C LEU A 109 -6.41 7.57 1.76
N GLY A 110 -5.60 8.32 1.01
CA GLY A 110 -6.02 8.81 -0.28
C GLY A 110 -4.81 9.03 -1.17
N ILE A 111 -5.09 9.19 -2.47
CA ILE A 111 -4.01 9.49 -3.41
C ILE A 111 -3.42 10.85 -3.11
N SER A 112 -2.10 10.96 -3.24
CA SER A 112 -1.38 12.16 -2.84
C SER A 112 -0.21 12.35 -3.80
N ILE A 113 0.43 13.52 -3.71
CA ILE A 113 1.55 13.90 -4.56
C ILE A 113 2.82 13.96 -3.72
N MET A 114 3.86 13.28 -4.18
CA MET A 114 5.20 13.36 -3.62
C MET A 114 6.11 14.11 -4.59
N ILE A 115 6.79 15.13 -4.06
CA ILE A 115 7.81 15.85 -4.80
C ILE A 115 9.14 15.76 -4.07
N LYS A 116 10.21 15.96 -4.83
CA LYS A 116 11.49 16.32 -4.26
C LYS A 116 11.36 17.75 -3.76
N LYS A 117 11.90 18.03 -2.56
CA LYS A 117 11.78 19.37 -1.99
C LYS A 117 12.24 20.42 -2.98
N GLY A 118 11.43 21.46 -3.13
CA GLY A 118 11.75 22.57 -4.00
C GLY A 118 11.13 22.49 -5.37
N THR A 119 10.54 21.35 -5.73
CA THR A 119 9.88 21.24 -7.02
C THR A 119 8.72 22.23 -7.06
N PRO A 120 8.58 23.04 -8.13
CA PRO A 120 7.55 24.10 -8.13
C PRO A 120 6.19 23.54 -8.56
N ILE A 121 5.64 22.69 -7.71
CA ILE A 121 4.34 22.05 -7.89
C ILE A 121 3.64 22.07 -6.55
N GLU A 122 2.38 22.53 -6.51
CA GLU A 122 1.59 22.54 -5.29
C GLU A 122 0.33 21.71 -5.37
N SER A 123 -0.06 21.24 -6.55
CA SER A 123 -1.37 20.62 -6.72
C SER A 123 -1.34 19.77 -7.97
N ALA A 124 -2.36 18.92 -8.07
CA ALA A 124 -2.55 18.16 -9.30
C ALA A 124 -2.80 19.08 -10.48
N GLU A 125 -3.57 20.15 -10.29
CA GLU A 125 -3.77 21.09 -11.38
C GLU A 125 -2.44 21.63 -11.88
N ASP A 126 -1.51 21.96 -10.98
CA ASP A 126 -0.19 22.43 -11.40
C ASP A 126 0.49 21.39 -12.29
N LEU A 127 0.48 20.12 -11.88
CA LEU A 127 1.09 19.08 -12.71
C LEU A 127 0.48 19.06 -14.09
N SER A 128 -0.84 19.16 -14.15
CA SER A 128 -1.59 18.98 -15.39
C SER A 128 -1.35 20.10 -16.39
N LYS A 129 -0.87 21.25 -15.94
CA LYS A 129 -0.71 22.44 -16.77
C LYS A 129 0.72 22.68 -17.20
N GLN A 130 1.59 21.69 -17.04
CA GLN A 130 2.97 21.85 -17.44
C GLN A 130 3.49 20.52 -17.95
N THR A 131 4.70 20.57 -18.52
CA THR A 131 5.32 19.41 -19.14
CA THR A 131 5.31 19.40 -19.12
C THR A 131 6.75 19.15 -18.70
N GLU A 132 7.43 20.10 -18.07
CA GLU A 132 8.83 19.90 -17.73
C GLU A 132 9.01 18.80 -16.69
N ILE A 133 8.08 18.70 -15.75
CA ILE A 133 8.14 17.76 -14.65
C ILE A 133 7.23 16.59 -15.03
N ALA A 134 7.84 15.43 -15.24
CA ALA A 134 7.09 14.21 -15.52
C ALA A 134 6.45 13.71 -14.22
N TYR A 135 5.40 12.90 -14.36
CA TYR A 135 4.74 12.36 -13.17
C TYR A 135 4.03 11.08 -13.54
N GLY A 136 3.96 10.17 -12.57
CA GLY A 136 3.30 8.90 -12.78
C GLY A 136 2.93 8.23 -11.48
N THR A 137 2.60 6.95 -11.60
CA THR A 137 2.01 6.14 -10.54
C THR A 137 2.69 4.77 -10.53
N LEU A 138 2.38 3.98 -9.52
CA LEU A 138 2.71 2.57 -9.54
C LEU A 138 2.02 1.93 -10.75
N ASP A 139 2.73 1.04 -11.42
CA ASP A 139 2.24 0.51 -12.68
C ASP A 139 1.02 -0.38 -12.50
N SER A 140 0.93 -1.10 -11.39
CA SER A 140 -0.21 -1.98 -11.10
CA SER A 140 -0.22 -1.95 -11.12
C SER A 140 -0.76 -1.58 -9.75
N GLY A 141 -1.90 -0.90 -9.73
CA GLY A 141 -2.46 -0.49 -8.47
C GLY A 141 -3.66 0.41 -8.62
N SER A 142 -4.20 0.77 -7.47
CA SER A 142 -5.44 1.52 -7.43
C SER A 142 -5.23 2.98 -7.79
N THR A 143 -4.03 3.52 -7.59
CA THR A 143 -3.83 4.92 -7.92
C THR A 143 -3.97 5.16 -9.43
N LYS A 144 -3.37 4.28 -10.23
CA LYS A 144 -3.51 4.40 -11.67
C LYS A 144 -4.96 4.37 -12.06
N GLU A 145 -5.73 3.45 -11.44
CA GLU A 145 -7.12 3.27 -11.81
C GLU A 145 -7.96 4.50 -11.55
N PHE A 146 -7.66 5.23 -10.49
CA PHE A 146 -8.37 6.48 -10.20
C PHE A 146 -8.33 7.41 -11.40
N PHE A 147 -7.13 7.58 -11.98
CA PHE A 147 -6.97 8.46 -13.13
C PHE A 147 -7.69 7.91 -14.34
N ARG A 148 -7.59 6.60 -14.55
CA ARG A 148 -8.27 5.98 -15.69
CA ARG A 148 -8.27 5.97 -15.68
C ARG A 148 -9.78 6.21 -15.64
N ARG A 149 -10.37 6.18 -14.45
CA ARG A 149 -11.81 6.21 -14.30
C ARG A 149 -12.38 7.61 -14.11
N SER A 150 -11.53 8.61 -13.96
CA SER A 150 -12.03 9.92 -13.56
C SER A 150 -12.79 10.58 -14.70
N LYS A 151 -13.75 11.43 -14.33
CA LYS A 151 -14.37 12.37 -15.26
C LYS A 151 -14.01 13.82 -14.93
N ILE A 152 -13.11 14.03 -13.98
CA ILE A 152 -12.65 15.37 -13.63
C ILE A 152 -11.63 15.83 -14.67
N ALA A 153 -11.83 17.04 -15.21
CA ALA A 153 -10.99 17.49 -16.33
C ALA A 153 -9.50 17.44 -16.00
N VAL A 154 -9.09 17.93 -14.83
CA VAL A 154 -7.66 17.93 -14.48
C VAL A 154 -7.12 16.52 -14.49
N PHE A 155 -7.85 15.58 -13.85
CA PHE A 155 -7.36 14.21 -13.74
C PHE A 155 -7.40 13.51 -15.08
N ASP A 156 -8.39 13.84 -15.93
CA ASP A 156 -8.44 13.30 -17.29
C ASP A 156 -7.24 13.76 -18.10
N LYS A 157 -6.89 15.05 -17.99
CA LYS A 157 -5.69 15.56 -18.67
CA LYS A 157 -5.69 15.56 -18.67
C LYS A 157 -4.44 14.84 -18.19
N MET A 158 -4.35 14.60 -16.89
CA MET A 158 -3.22 13.87 -16.33
C MET A 158 -3.16 12.45 -16.88
N TRP A 159 -4.29 11.76 -16.92
CA TRP A 159 -4.29 10.39 -17.43
C TRP A 159 -3.90 10.35 -18.91
N THR A 160 -4.44 11.27 -19.71
CA THR A 160 -4.11 11.30 -21.14
C THR A 160 -2.60 11.46 -21.33
N TYR A 161 -1.97 12.31 -20.51
CA TYR A 161 -0.52 12.44 -20.54
C TYR A 161 0.16 11.16 -20.05
N MET A 162 -0.20 10.65 -18.88
CA MET A 162 0.58 9.57 -18.30
C MET A 162 0.51 8.32 -19.16
N ARG A 163 -0.67 8.02 -19.71
CA ARG A 163 -0.85 6.74 -20.37
C ARG A 163 0.03 6.61 -21.61
N SER A 164 0.46 7.72 -22.20
CA SER A 164 1.26 7.68 -23.42
CA SER A 164 1.24 7.73 -23.43
C SER A 164 2.64 8.29 -23.25
N ALA A 165 3.01 8.75 -22.07
CA ALA A 165 4.30 9.41 -21.89
C ALA A 165 5.45 8.45 -22.16
N GLU A 166 6.52 8.98 -22.76
CA GLU A 166 7.74 8.22 -23.05
C GLU A 166 8.93 9.04 -22.55
N PRO A 167 9.87 8.41 -21.80
CA PRO A 167 9.78 7.02 -21.33
C PRO A 167 8.66 6.86 -20.31
N SER A 168 8.31 5.62 -20.01
CA SER A 168 7.20 5.35 -19.13
C SER A 168 7.33 6.13 -17.83
N VAL A 169 6.20 6.66 -17.37
CA VAL A 169 6.13 7.30 -16.05
C VAL A 169 5.69 6.34 -14.97
N PHE A 170 5.42 5.08 -15.30
CA PHE A 170 4.93 4.13 -14.31
C PHE A 170 6.10 3.36 -13.71
N VAL A 171 6.00 3.06 -12.42
CA VAL A 171 7.10 2.44 -11.69
C VAL A 171 6.70 1.07 -11.15
N ARG A 172 7.69 0.25 -10.85
CA ARG A 172 7.44 -1.14 -10.46
CA ARG A 172 7.43 -1.13 -10.46
C ARG A 172 6.99 -1.25 -9.01
N THR A 173 7.54 -0.41 -8.14
CA THR A 173 7.31 -0.48 -6.71
C THR A 173 7.37 0.92 -6.13
N THR A 174 6.89 1.08 -4.89
CA THR A 174 7.01 2.35 -4.19
C THR A 174 8.46 2.78 -4.10
N ALA A 175 9.35 1.85 -3.75
CA ALA A 175 10.75 2.19 -3.62
C ALA A 175 11.29 2.74 -4.93
N GLU A 176 10.86 2.19 -6.06
CA GLU A 176 11.33 2.72 -7.33
CA GLU A 176 11.31 2.72 -7.35
C GLU A 176 10.79 4.13 -7.58
N GLY A 177 9.53 4.38 -7.25
CA GLY A 177 8.98 5.72 -7.39
C GLY A 177 9.72 6.74 -6.55
N VAL A 178 9.99 6.39 -5.30
CA VAL A 178 10.74 7.28 -4.41
C VAL A 178 12.14 7.53 -4.95
N ALA A 179 12.82 6.48 -5.40
CA ALA A 179 14.16 6.65 -5.95
C ALA A 179 14.11 7.56 -7.17
N ARG A 180 13.09 7.39 -8.00
CA ARG A 180 12.98 8.21 -9.19
C ARG A 180 12.74 9.68 -8.82
N VAL A 181 11.89 9.95 -7.82
CA VAL A 181 11.75 11.32 -7.33
C VAL A 181 13.10 11.86 -6.85
N ARG A 182 13.80 11.08 -6.04
CA ARG A 182 15.01 11.56 -5.39
C ARG A 182 16.13 11.80 -6.38
N LYS A 183 16.18 11.05 -7.48
CA LYS A 183 17.27 11.07 -8.43
C LYS A 183 16.99 11.89 -9.69
N SER A 184 15.77 12.40 -9.86
CA SER A 184 15.43 13.13 -11.08
CA SER A 184 15.41 13.14 -11.07
C SER A 184 15.54 14.65 -10.91
N LYS A 185 16.10 15.13 -9.80
CA LYS A 185 16.44 16.54 -9.67
C LYS A 185 15.23 17.46 -9.78
N GLY A 186 14.10 17.02 -9.28
CA GLY A 186 12.90 17.81 -9.35
C GLY A 186 12.07 17.60 -10.60
N LYS A 187 12.49 16.71 -11.49
CA LYS A 187 11.81 16.55 -12.78
C LYS A 187 10.91 15.33 -12.84
N TYR A 188 10.68 14.67 -11.71
CA TYR A 188 9.68 13.61 -11.61
C TYR A 188 8.93 13.80 -10.30
N ALA A 189 7.60 13.77 -10.36
CA ALA A 189 6.73 13.75 -9.20
C ALA A 189 5.97 12.43 -9.21
N TYR A 190 5.69 11.91 -8.02
CA TYR A 190 5.11 10.58 -7.88
C TYR A 190 3.75 10.66 -7.20
N LEU A 191 2.75 10.04 -7.80
CA LEU A 191 1.40 9.96 -7.27
C LEU A 191 1.28 8.62 -6.55
N LEU A 192 0.97 8.67 -5.26
CA LEU A 192 0.97 7.46 -4.42
C LEU A 192 0.06 7.66 -3.23
N GLU A 193 -0.13 6.58 -2.48
CA GLU A 193 -1.03 6.67 -1.35
C GLU A 193 -0.42 7.51 -0.23
N SER A 194 -1.27 8.29 0.44
CA SER A 194 -0.86 9.24 1.47
C SER A 194 -0.08 8.57 2.58
N THR A 195 -0.46 7.35 2.92
CA THR A 195 0.23 6.56 3.94
C THR A 195 1.71 6.39 3.60
N MET A 196 2.01 5.91 2.40
CA MET A 196 3.41 5.76 2.00
CA MET A 196 3.42 5.76 2.07
C MET A 196 4.11 7.11 1.93
N ASN A 197 3.43 8.10 1.36
CA ASN A 197 4.01 9.43 1.21
C ASN A 197 4.42 10.01 2.56
N GLU A 198 3.51 9.93 3.54
CA GLU A 198 3.77 10.46 4.88
CA GLU A 198 3.79 10.48 4.86
C GLU A 198 4.89 9.72 5.58
N TYR A 199 4.99 8.42 5.35
CA TYR A 199 6.10 7.65 5.92
CA TYR A 199 6.11 7.67 5.93
C TYR A 199 7.44 8.12 5.34
N ILE A 200 7.54 8.19 4.01
CA ILE A 200 8.78 8.54 3.35
C ILE A 200 9.23 9.94 3.72
N GLU A 201 8.28 10.85 3.93
CA GLU A 201 8.59 12.23 4.32
CA GLU A 201 8.64 12.21 4.30
C GLU A 201 9.41 12.28 5.61
N GLN A 202 9.27 11.28 6.47
CA GLN A 202 9.98 11.22 7.74
C GLN A 202 11.19 10.28 7.69
N ARG A 203 11.64 9.92 6.50
CA ARG A 203 12.81 9.07 6.32
C ARG A 203 13.97 9.85 5.71
N LYS A 204 15.18 9.55 6.17
CA LYS A 204 16.39 10.09 5.55
C LYS A 204 16.39 9.68 4.07
N PRO A 205 16.90 10.56 3.18
CA PRO A 205 17.57 11.82 3.45
C PRO A 205 16.65 13.04 3.58
N CYS A 206 15.36 12.85 3.90
CA CYS A 206 14.50 13.97 4.27
C CYS A 206 14.39 14.98 3.15
N ASP A 207 14.27 14.48 1.92
CA ASP A 207 14.31 15.29 0.72
C ASP A 207 13.02 15.23 -0.09
N THR A 208 11.95 14.66 0.49
CA THR A 208 10.67 14.61 -0.19
C THR A 208 9.62 15.32 0.65
N MET A 209 8.52 15.65 -0.01
CA MET A 209 7.38 16.15 0.72
CA MET A 209 7.40 16.38 0.61
C MET A 209 6.09 15.88 -0.01
N LYS A 210 5.06 15.75 0.82
CA LYS A 210 3.68 15.62 0.37
CA LYS A 210 3.69 15.62 0.35
C LYS A 210 3.13 17.01 0.09
N VAL A 211 2.50 17.20 -1.07
CA VAL A 211 1.94 18.49 -1.40
C VAL A 211 0.47 18.38 -1.74
N GLY A 212 -0.29 19.34 -1.26
CA GLY A 212 -1.71 19.37 -1.52
C GLY A 212 -2.47 18.36 -0.68
N GLY A 213 -3.79 18.37 -0.87
CA GLY A 213 -4.64 17.43 -0.17
C GLY A 213 -4.69 16.09 -0.86
N ASN A 214 -5.38 15.16 -0.27
CA ASN A 214 -5.62 13.88 -0.90
C ASN A 214 -6.70 14.00 -1.97
N LEU A 215 -6.57 13.22 -3.03
CA LEU A 215 -7.47 13.32 -4.16
C LEU A 215 -8.73 12.47 -4.00
N ASP A 216 -8.69 11.48 -3.11
CA ASP A 216 -9.79 10.57 -2.87
C ASP A 216 -9.65 10.02 -1.45
N SER A 217 -10.55 9.09 -1.09
CA SER A 217 -10.59 8.50 0.23
C SER A 217 -10.88 7.01 0.07
N LYS A 218 -9.93 6.18 0.52
CA LYS A 218 -10.04 4.73 0.40
CA LYS A 218 -9.99 4.74 0.38
C LYS A 218 -9.50 4.09 1.66
N GLY A 219 -9.45 2.76 1.67
CA GLY A 219 -9.01 2.03 2.84
C GLY A 219 -8.24 0.78 2.46
N TYR A 220 -7.40 0.35 3.40
CA TYR A 220 -6.76 -0.97 3.36
C TYR A 220 -7.59 -1.96 4.16
N GLY A 221 -7.77 -3.16 3.63
CA GLY A 221 -8.50 -4.18 4.35
C GLY A 221 -7.69 -5.47 4.47
N ILE A 222 -7.99 -6.22 5.52
CA ILE A 222 -7.47 -7.57 5.66
CA ILE A 222 -7.49 -7.59 5.68
C ILE A 222 -8.31 -8.49 4.77
N ALA A 223 -7.66 -9.34 3.99
CA ALA A 223 -8.36 -10.14 3.00
C ALA A 223 -8.30 -11.63 3.36
N THR A 224 -9.40 -12.31 3.09
CA THR A 224 -9.52 -13.75 3.25
C THR A 224 -10.18 -14.33 2.01
N PRO A 225 -10.01 -15.62 1.75
CA PRO A 225 -10.70 -16.24 0.62
C PRO A 225 -12.20 -16.07 0.78
N LYS A 226 -12.88 -15.90 -0.36
CA LYS A 226 -14.29 -15.61 -0.35
C LYS A 226 -15.02 -16.72 0.37
N GLY A 227 -15.85 -16.33 1.32
CA GLY A 227 -16.62 -17.30 2.07
C GLY A 227 -15.86 -17.97 3.20
N SER A 228 -14.58 -17.66 3.40
CA SER A 228 -13.83 -18.31 4.48
C SER A 228 -14.45 -17.98 5.82
N SER A 229 -14.52 -18.97 6.69
CA SER A 229 -15.08 -18.75 8.02
C SER A 229 -14.25 -17.80 8.86
N LEU A 230 -12.97 -17.57 8.52
CA LEU A 230 -12.12 -16.68 9.30
C LEU A 230 -12.52 -15.21 9.15
N GLY A 231 -13.18 -14.86 8.05
CA GLY A 231 -13.42 -13.47 7.74
C GLY A 231 -14.24 -12.75 8.81
N ASN A 232 -15.26 -13.42 9.36
CA ASN A 232 -16.13 -12.73 10.31
C ASN A 232 -15.33 -12.28 11.52
N ALA A 233 -14.54 -13.20 12.11
CA ALA A 233 -13.79 -12.86 13.32
C ALA A 233 -12.73 -11.80 13.02
N VAL A 234 -12.08 -11.90 11.87
CA VAL A 234 -11.07 -10.92 11.52
C VAL A 234 -11.67 -9.52 11.45
N ASN A 235 -12.85 -9.40 10.83
CA ASN A 235 -13.49 -8.10 10.69
C ASN A 235 -13.87 -7.53 12.05
N LEU A 236 -14.44 -8.35 12.93
CA LEU A 236 -14.74 -7.86 14.27
C LEU A 236 -13.47 -7.40 14.98
N ALA A 237 -12.36 -8.13 14.83
CA ALA A 237 -11.12 -7.74 15.47
C ALA A 237 -10.64 -6.39 14.97
N VAL A 238 -10.72 -6.14 13.66
CA VAL A 238 -10.32 -4.83 13.14
C VAL A 238 -11.12 -3.71 13.79
N LEU A 239 -12.44 -3.88 13.85
CA LEU A 239 -13.28 -2.83 14.44
C LEU A 239 -12.96 -2.64 15.90
N LYS A 240 -12.79 -3.74 16.65
CA LYS A 240 -12.49 -3.66 18.06
C LYS A 240 -11.15 -2.97 18.29
N LEU A 241 -10.12 -3.36 17.52
CA LEU A 241 -8.81 -2.74 17.67
C LEU A 241 -8.87 -1.26 17.33
N ASN A 242 -9.65 -0.88 16.31
CA ASN A 242 -9.76 0.53 15.99
C ASN A 242 -10.43 1.29 17.14
N GLU A 243 -11.50 0.73 17.68
CA GLU A 243 -12.28 1.39 18.72
C GLU A 243 -11.48 1.61 19.98
N GLN A 244 -10.51 0.75 20.26
CA GLN A 244 -9.71 0.86 21.46
CA GLN A 244 -9.69 0.85 21.46
C GLN A 244 -8.41 1.62 21.24
N GLY A 245 -8.21 2.18 20.06
CA GLY A 245 -7.08 3.03 19.76
C GLY A 245 -5.83 2.30 19.29
N LEU A 246 -5.86 0.97 19.15
CA LEU A 246 -4.61 0.25 18.90
C LEU A 246 -4.09 0.53 17.50
N LEU A 247 -4.98 0.65 16.51
CA LEU A 247 -4.50 0.90 15.16
C LEU A 247 -3.78 2.23 15.06
N ASP A 248 -4.29 3.27 15.70
CA ASP A 248 -3.59 4.56 15.70
C ASP A 248 -2.30 4.51 16.48
N LYS A 249 -2.25 3.73 17.55
CA LYS A 249 -1.01 3.56 18.28
C LYS A 249 0.05 2.95 17.37
N LEU A 250 -0.30 1.92 16.59
CA LEU A 250 0.65 1.31 15.68
C LEU A 250 1.07 2.28 14.58
N LYS A 251 0.13 3.06 14.03
CA LYS A 251 0.49 4.04 13.00
C LYS A 251 1.50 5.03 13.55
N ASN A 252 1.22 5.57 14.73
CA ASN A 252 2.14 6.55 15.29
CA ASN A 252 2.13 6.54 15.31
C ASN A 252 3.50 5.93 15.56
N LYS A 253 3.54 4.68 16.02
CA LYS A 253 4.81 3.99 16.27
C LYS A 253 5.65 3.93 15.01
N TRP A 254 5.06 3.48 13.91
CA TRP A 254 5.83 3.16 12.72
C TRP A 254 6.05 4.35 11.79
N TRP A 255 5.25 5.40 11.88
CA TRP A 255 5.37 6.56 11.00
C TRP A 255 6.15 7.69 11.64
N TYR A 256 5.83 7.97 12.89
CA TYR A 256 6.26 9.23 13.50
C TYR A 256 7.18 9.07 14.69
N ASP A 257 6.94 8.12 15.59
CA ASP A 257 7.88 7.92 16.69
C ASP A 257 9.25 7.59 16.14
N LYS A 258 9.29 6.82 15.05
CA LYS A 258 10.53 6.37 14.42
C LYS A 258 11.00 7.33 13.31
N GLY A 259 10.40 8.52 13.21
CA GLY A 259 10.80 9.47 12.18
C GLY A 259 12.24 9.92 12.34
N GLU A 260 12.92 10.08 11.19
CA GLU A 260 14.34 10.40 11.10
C GLU A 260 14.61 11.84 10.70
N CYS A 261 13.59 12.68 10.61
CA CYS A 261 13.71 13.99 10.00
C CYS A 261 13.38 15.09 11.00
N GLY A 262 13.58 14.80 12.28
CA GLY A 262 13.32 15.76 13.33
C GLY A 262 11.97 15.56 13.99
N SER A 263 11.65 16.49 14.88
CA SER A 263 10.41 16.41 15.64
C SER A 263 9.42 17.44 15.12
CAC FLC B . 15.32 -13.78 1.89
CA FLC B . 14.10 -14.48 2.47
CB FLC B . 14.42 -15.35 3.69
CBC FLC B . 15.48 -16.37 3.35
CG FLC B . 14.71 -14.46 4.88
CGC FLC B . 15.15 -15.18 6.12
OA1 FLC B . 15.91 -12.91 2.56
OA2 FLC B . 15.72 -14.09 0.75
OB1 FLC B . 16.69 -16.08 3.24
OB2 FLC B . 15.05 -17.54 3.14
OG1 FLC B . 15.58 -14.43 7.08
OG2 FLC B . 15.11 -16.40 6.29
OHB FLC B . 13.28 -16.15 3.93
CAC FLC C . 9.90 -18.45 3.78
CA FLC C . 10.62 -19.34 2.80
CB FLC C . 12.14 -19.39 2.90
CBC FLC C . 12.64 -19.50 4.31
CG FLC C . 12.65 -20.55 2.04
CGC FLC C . 14.17 -20.69 2.05
OA1 FLC C . 10.49 -18.03 4.78
OA2 FLC C . 8.69 -18.18 3.56
OB1 FLC C . 13.34 -18.53 4.70
OB2 FLC C . 12.33 -20.49 5.03
OG1 FLC C . 14.75 -20.65 0.95
OG2 FLC C . 14.76 -20.87 3.15
OHB FLC C . 12.68 -18.13 2.45
LI LI D . -15.14 -9.42 -1.47
C1 8VN E . -0.75 -0.84 -2.02
C2 8VN E . -2.32 -0.12 -3.65
C3 8VN E . -0.45 1.45 -4.46
C4 8VN E . -0.92 0.03 -4.31
C5 8VN E . 0.06 -0.48 -3.27
C6 8VN E . -1.05 2.44 -5.41
C7 8VN E . -3.02 -1.42 -4.07
O1 8VN E . 0.89 0.63 -2.93
O3 8VN E . -1.80 2.03 -6.33
O4 8VN E . -3.43 -2.16 -3.15
O5 8VN E . -3.14 -1.65 -5.28
N1 8VN E . -2.07 -0.23 -2.21
N2 8VN E . 0.52 1.75 -3.70
O2 8VN E . -0.73 3.63 -5.21
C3 8WQ F . -0.70 -0.87 -2.19
C2 8WQ F . -2.35 -0.01 -3.69
C1 8WQ F . -0.99 0.08 -4.41
C6 8WQ F . -0.89 2.55 -5.40
C7 8WQ F . -0.13 -0.89 -3.59
C5 8WQ F . -0.47 1.52 -4.31
C4 8WQ F . -3.17 -1.23 -4.12
O1 8WQ F . -3.48 -2.09 -3.27
O2 8WQ F . -3.50 -1.27 -5.33
N1 8WQ F . -1.97 -0.13 -2.26
O3 8WQ F . 0.25 1.88 -3.37
O4 8WQ F . -1.54 2.14 -6.38
O5 8WQ F . -0.47 3.71 -5.19
O6 8WQ F . 1.27 -0.67 -3.60
S SO4 G . -1.60 -26.01 -8.28
O1 SO4 G . -0.17 -25.75 -8.06
O2 SO4 G . -2.36 -24.93 -7.65
O3 SO4 G . -1.86 -26.02 -9.70
O4 SO4 G . -1.97 -27.29 -7.68
S SO4 H . -14.83 -10.63 -16.74
O1 SO4 H . -13.85 -9.82 -17.47
O2 SO4 H . -14.63 -10.42 -15.30
O3 SO4 H . -16.19 -10.21 -17.12
O4 SO4 H . -14.63 -12.04 -17.04
S SO4 I . -12.32 0.02 -20.01
O1 SO4 I . -11.35 0.34 -18.96
O2 SO4 I . -13.05 1.25 -20.34
O3 SO4 I . -13.25 -0.98 -19.47
O4 SO4 I . -11.62 -0.48 -21.20
C1 GOL J . 3.26 -5.61 -9.88
O1 GOL J . 1.97 -6.20 -9.93
C2 GOL J . 3.93 -5.70 -11.25
O2 GOL J . 5.29 -6.01 -11.06
C3 GOL J . 3.83 -4.38 -12.04
O3 GOL J . 5.09 -3.78 -12.21
#